data_6DWY
#
_entry.id   6DWY
#
_cell.length_a   121.380
_cell.length_b   135.350
_cell.length_c   103.210
_cell.angle_alpha   90.00
_cell.angle_beta   90.00
_cell.angle_gamma   90.00
#
_symmetry.space_group_name_H-M   'C 2 2 21'
#
loop_
_entity.id
_entity.type
_entity.pdbx_description
1 polymer 'Hermes transposase'
2 polymer "DNA (5'-D(*AP*GP*AP*GP*AP*AP*CP*AP*AP*CP*AP*AP*CP*AP*AP*G)-3')"
3 polymer 'DNA (26-MER)'
4 polymer "DNA (5'-D(*C*GP*CP*GP*TP*GP*AP*C)-3')"
5 non-polymer 'CALCIUM ION'
#
loop_
_entity_poly.entity_id
_entity_poly.type
_entity_poly.pdbx_seq_one_letter_code
_entity_poly.pdbx_strand_id
1 'polypeptide(L)'
;GSHMSRELKTVSADCKKEAIEKCAQWVVRDCRPFSAVSGSGFIDMIKFFIKVGAEYGEHVNVEELLPSPITLSRKVTSDA
KEKKALISREIKSAVEKDGASATIDLWTDNYIKRNFLGVTLHYHENNELRDLILGLKSLDFERSTAENIYKKLKAIFSQF
NVEDLSSIKFVTDRGANVVKSLANNIRINCSSHLLSNVLENSFEETPELNMPILACKNIVKYFKKANLQHRLRSSLKSEC
PTRWNSTYTMLRSILDNWESVIQILSEAGETQRIVHINKSIIQTMVNILDGFERIFKELQTCSSPSLCFVVPSILKVKEI
CSPDVGDVADIAKLKVNIIKNVRIIWEENLSIWHYTAFFFYPPALHMQQEKVAQIKEFCLSKMEDLELINRMSSFNELSA
TQLNQSDSNSHNSIDLTSHSKPVSPSDEFEFYRKEIVILSEDFKVMEWWNLNSKKYPKLSKLALSLLSIPASSAASERTF
SLAGNIITEKRNRIGQQTVDSLLFLNSFYKNFCKLDI
;
A
2 'polydeoxyribonucleotide' (DA)(DG)(DA)(DG)(DA)(DA)(DC)(DA)(DA)(DC)(DA)(DA)(DC)(DA)(DA)(DG) B
3 'polydeoxyribonucleotide'
;(DC)(DT)(DT)(DG)(DT)(DT)(DG)(DT)(DT)(DG)(DT)(DT)(DC)(DT)(DC)(DT)(DG)(DG)(DG)(DT)
(DC)(DA)(DC)(DG)(DC)(DG)
;
C
4 'polydeoxyribonucleotide' (DC)(DG)(DC)(DG)(DT)(DG)(DA)(DC) D
#
loop_
_chem_comp.id
_chem_comp.type
_chem_comp.name
_chem_comp.formula
CA non-polymer 'CALCIUM ION' 'Ca 2'
DA DNA linking 2'-DEOXYADENOSINE-5'-MONOPHOSPHATE 'C10 H14 N5 O6 P'
DC DNA linking 2'-DEOXYCYTIDINE-5'-MONOPHOSPHATE 'C9 H14 N3 O7 P'
DG DNA linking 2'-DEOXYGUANOSINE-5'-MONOPHOSPHATE 'C10 H14 N5 O7 P'
DT DNA linking THYMIDINE-5'-MONOPHOSPHATE 'C10 H15 N2 O8 P'
#
# COMPACT_ATOMS: atom_id res chain seq x y z
N ARG A 6 -19.96 -10.62 33.22
CA ARG A 6 -19.86 -9.39 32.43
C ARG A 6 -18.95 -8.37 33.09
N GLU A 7 -19.19 -8.07 34.35
CA GLU A 7 -18.38 -7.09 35.06
C GLU A 7 -17.02 -7.70 35.35
N LEU A 8 -15.96 -7.08 34.84
CA LEU A 8 -14.62 -7.64 34.88
C LEU A 8 -13.83 -7.09 36.06
N LYS A 9 -13.14 -7.98 36.76
CA LYS A 9 -12.54 -7.67 38.04
C LYS A 9 -11.23 -6.90 37.90
N THR A 10 -10.93 -6.09 38.89
CA THR A 10 -9.66 -5.41 39.03
C THR A 10 -8.84 -6.14 40.10
N VAL A 11 -7.52 -6.14 39.92
CA VAL A 11 -6.62 -6.82 40.84
C VAL A 11 -6.03 -5.79 41.79
N SER A 12 -5.75 -6.24 43.02
CA SER A 12 -5.21 -5.37 44.04
C SER A 12 -3.93 -4.70 43.55
N ALA A 13 -3.71 -3.46 44.00
CA ALA A 13 -2.51 -2.73 43.62
C ALA A 13 -1.24 -3.46 44.03
N ASP A 14 -1.33 -4.35 45.03
CA ASP A 14 -0.20 -5.23 45.34
C ASP A 14 -0.11 -6.39 44.35
N CYS A 15 -1.19 -6.68 43.62
CA CYS A 15 -1.13 -7.71 42.58
C CYS A 15 -0.52 -7.17 41.29
N LYS A 16 -0.88 -5.95 40.88
CA LYS A 16 -0.31 -5.41 39.65
C LYS A 16 1.17 -5.05 39.82
N LYS A 17 1.57 -4.66 41.03
CA LYS A 17 2.99 -4.43 41.31
C LYS A 17 3.81 -5.68 41.04
N GLU A 18 3.19 -6.86 41.16
CA GLU A 18 3.88 -8.09 40.80
C GLU A 18 3.97 -8.23 39.28
N ALA A 19 2.84 -8.04 38.59
CA ALA A 19 2.85 -8.15 37.13
C ALA A 19 3.85 -7.19 36.51
N ILE A 20 3.96 -5.98 37.04
CA ILE A 20 4.86 -4.98 36.45
C ILE A 20 6.31 -5.39 36.63
N GLU A 21 6.65 -6.11 37.71
CA GLU A 21 8.01 -6.61 37.88
C GLU A 21 8.18 -8.04 37.40
N LYS A 22 7.10 -8.76 37.09
CA LYS A 22 7.22 -10.05 36.43
C LYS A 22 7.37 -9.89 34.93
N CYS A 23 6.60 -8.98 34.33
CA CYS A 23 6.76 -8.70 32.90
C CYS A 23 8.16 -8.17 32.60
N ALA A 24 8.72 -7.37 33.51
CA ALA A 24 10.07 -6.88 33.31
C ALA A 24 11.07 -8.01 33.30
N GLN A 25 10.82 -9.08 34.05
CA GLN A 25 11.72 -10.23 34.02
C GLN A 25 11.69 -10.90 32.66
N TRP A 26 10.51 -10.97 32.03
CA TRP A 26 10.39 -11.51 30.68
C TRP A 26 11.32 -10.77 29.73
N VAL A 27 11.10 -9.46 29.58
CA VAL A 27 11.80 -8.67 28.56
C VAL A 27 13.30 -8.87 28.63
N VAL A 28 13.88 -8.78 29.83
CA VAL A 28 15.34 -8.76 29.91
C VAL A 28 15.91 -10.15 29.62
N ARG A 29 15.24 -11.21 30.08
CA ARG A 29 15.83 -12.53 29.98
C ARG A 29 15.70 -13.09 28.57
N ASP A 30 14.56 -12.87 27.91
CA ASP A 30 14.34 -13.34 26.55
C ASP A 30 14.62 -12.29 25.49
N CYS A 31 14.99 -11.08 25.89
CA CYS A 31 15.39 -10.02 24.95
C CYS A 31 14.24 -9.67 24.00
N ARG A 32 13.03 -9.55 24.54
CA ARG A 32 11.86 -9.15 23.77
C ARG A 32 11.65 -7.65 23.81
N PRO A 33 10.90 -7.09 22.86
CA PRO A 33 10.60 -5.66 22.91
C PRO A 33 9.65 -5.31 24.05
N PHE A 34 9.62 -4.02 24.37
CA PHE A 34 8.68 -3.54 25.38
C PHE A 34 7.24 -3.61 24.89
N SER A 35 7.02 -3.45 23.58
CA SER A 35 5.66 -3.38 23.07
C SER A 35 5.03 -4.74 22.90
N ALA A 36 5.73 -5.82 23.28
CA ALA A 36 5.12 -7.14 23.25
C ALA A 36 3.89 -7.20 24.14
N VAL A 37 3.91 -6.51 25.28
CA VAL A 37 2.79 -6.58 26.21
C VAL A 37 1.53 -5.97 25.62
N SER A 38 1.68 -4.86 24.91
CA SER A 38 0.51 -4.17 24.37
C SER A 38 0.07 -4.74 23.03
N GLY A 39 0.72 -5.79 22.53
CA GLY A 39 0.29 -6.41 21.29
C GLY A 39 -1.03 -7.13 21.46
N SER A 40 -1.91 -6.95 20.46
CA SER A 40 -3.26 -7.50 20.56
C SER A 40 -3.25 -9.02 20.69
N GLY A 41 -2.42 -9.69 19.89
CA GLY A 41 -2.34 -11.13 19.99
C GLY A 41 -1.86 -11.59 21.35
N PHE A 42 -0.88 -10.89 21.91
CA PHE A 42 -0.37 -11.27 23.22
C PHE A 42 -1.39 -11.02 24.31
N ILE A 43 -2.25 -10.01 24.15
CA ILE A 43 -3.24 -9.70 25.18
C ILE A 43 -4.24 -10.85 25.32
N ASP A 44 -4.71 -11.39 24.20
CA ASP A 44 -5.68 -12.48 24.24
C ASP A 44 -5.05 -13.75 24.82
N MET A 45 -3.75 -13.98 24.56
CA MET A 45 -3.12 -15.19 25.06
C MET A 45 -3.06 -15.21 26.58
N ILE A 46 -2.96 -14.04 27.21
CA ILE A 46 -2.89 -13.99 28.66
C ILE A 46 -4.26 -14.30 29.28
N LYS A 47 -5.33 -13.80 28.66
CA LYS A 47 -6.68 -14.11 29.11
C LYS A 47 -6.91 -15.60 29.24
N PHE A 48 -6.28 -16.39 28.36
CA PHE A 48 -6.43 -17.85 28.41
C PHE A 48 -5.64 -18.48 29.55
N PHE A 49 -4.51 -17.88 29.93
CA PHE A 49 -3.70 -18.49 30.98
C PHE A 49 -4.26 -18.22 32.37
N ILE A 50 -4.90 -17.07 32.58
CA ILE A 50 -5.66 -16.89 33.81
C ILE A 50 -6.89 -17.81 33.79
N LYS A 51 -7.43 -18.08 32.60
CA LYS A 51 -8.58 -18.96 32.47
C LYS A 51 -8.24 -20.39 32.87
N VAL A 52 -7.02 -20.84 32.56
CA VAL A 52 -6.59 -22.18 32.98
C VAL A 52 -6.24 -22.19 34.46
N GLY A 53 -5.65 -21.10 34.95
CA GLY A 53 -5.33 -21.03 36.37
C GLY A 53 -6.56 -21.06 37.25
N ALA A 54 -7.69 -20.54 36.76
CA ALA A 54 -8.92 -20.59 37.53
C ALA A 54 -9.41 -22.02 37.71
N GLU A 55 -9.60 -22.74 36.59
CA GLU A 55 -10.19 -24.07 36.65
C GLU A 55 -9.25 -25.08 37.30
N TYR A 56 -7.94 -24.88 37.18
CA TYR A 56 -6.92 -25.83 37.62
C TYR A 56 -6.23 -25.38 38.91
N GLY A 57 -5.68 -24.18 38.95
CA GLY A 57 -5.12 -23.64 40.17
C GLY A 57 -3.62 -23.44 40.10
N GLU A 58 -3.12 -22.77 41.14
CA GLU A 58 -1.76 -22.25 41.19
C GLU A 58 -0.70 -23.30 40.89
N HIS A 59 -1.02 -24.58 41.01
CA HIS A 59 -0.06 -25.65 40.76
C HIS A 59 -0.47 -26.38 39.49
N VAL A 60 0.29 -26.14 38.41
CA VAL A 60 0.15 -26.82 37.13
C VAL A 60 1.55 -26.99 36.57
N ASN A 61 1.74 -28.00 35.74
CA ASN A 61 3.03 -28.20 35.08
C ASN A 61 2.99 -27.45 33.77
N VAL A 62 3.73 -26.34 33.71
CA VAL A 62 3.64 -25.44 32.56
C VAL A 62 4.50 -25.95 31.41
N GLU A 63 5.71 -26.44 31.72
CA GLU A 63 6.60 -26.93 30.68
C GLU A 63 5.90 -27.98 29.81
N GLU A 64 5.13 -28.85 30.43
CA GLU A 64 4.32 -29.80 29.70
C GLU A 64 3.11 -29.13 29.05
N LEU A 65 2.56 -28.10 29.69
CA LEU A 65 1.44 -27.37 29.09
C LEU A 65 1.91 -26.48 27.95
N LEU A 66 3.03 -25.78 28.15
CA LEU A 66 3.56 -24.89 27.13
C LEU A 66 4.12 -25.72 25.98
N PRO A 67 3.66 -25.50 24.74
CA PRO A 67 4.18 -26.28 23.62
C PRO A 67 5.63 -25.89 23.34
N SER A 68 6.32 -26.78 22.65
CA SER A 68 7.62 -26.41 22.13
C SER A 68 7.46 -25.63 20.84
N PRO A 69 8.40 -24.73 20.53
CA PRO A 69 8.28 -23.93 19.30
C PRO A 69 8.02 -24.75 18.04
N ILE A 70 8.57 -25.96 17.94
CA ILE A 70 8.39 -26.73 16.71
C ILE A 70 6.91 -27.05 16.49
N THR A 71 6.23 -27.55 17.53
CA THR A 71 4.78 -27.77 17.41
C THR A 71 4.04 -26.49 17.11
N LEU A 72 4.63 -25.35 17.45
CA LEU A 72 4.06 -24.07 17.04
C LEU A 72 4.33 -23.79 15.58
N SER A 73 5.56 -24.07 15.14
CA SER A 73 5.85 -24.01 13.71
C SER A 73 4.91 -24.90 12.93
N ARG A 74 4.60 -26.08 13.48
CA ARG A 74 3.81 -27.06 12.75
C ARG A 74 2.34 -26.69 12.74
N LYS A 75 1.82 -26.12 13.84
CA LYS A 75 0.43 -25.70 13.84
C LYS A 75 0.21 -24.52 12.92
N VAL A 76 1.11 -23.53 12.96
CA VAL A 76 1.00 -22.38 12.07
C VAL A 76 0.96 -22.83 10.62
N THR A 77 1.71 -23.87 10.30
CA THR A 77 1.64 -24.48 8.98
C THR A 77 0.27 -25.12 8.74
N SER A 78 -0.16 -25.97 9.68
CA SER A 78 -1.39 -26.75 9.49
C SER A 78 -2.64 -25.96 9.80
N ASP A 79 -2.55 -24.89 10.58
CA ASP A 79 -3.71 -24.02 10.75
C ASP A 79 -3.88 -23.07 9.57
N ALA A 80 -2.82 -22.83 8.82
CA ALA A 80 -2.92 -21.96 7.65
C ALA A 80 -3.61 -22.66 6.47
N LYS A 81 -3.42 -23.97 6.34
CA LYS A 81 -4.08 -24.70 5.26
C LYS A 81 -5.59 -24.67 5.42
N GLU A 82 -6.07 -24.94 6.63
CA GLU A 82 -7.51 -24.97 6.87
C GLU A 82 -8.15 -23.59 6.69
N LYS A 83 -7.42 -22.53 7.04
CA LYS A 83 -7.97 -21.19 6.87
C LYS A 83 -8.16 -20.86 5.39
N LYS A 84 -7.19 -21.23 4.55
CA LYS A 84 -7.33 -20.97 3.12
C LYS A 84 -8.50 -21.73 2.53
N ALA A 85 -8.84 -22.88 3.12
CA ALA A 85 -10.04 -23.60 2.68
C ALA A 85 -11.30 -22.88 3.14
N LEU A 86 -11.37 -22.55 4.44
CA LEU A 86 -12.57 -21.89 4.99
C LEU A 86 -12.91 -20.62 4.24
N ILE A 87 -11.90 -19.86 3.80
CA ILE A 87 -12.14 -18.67 2.99
C ILE A 87 -12.31 -19.01 1.52
N SER A 88 -12.11 -20.27 1.14
CA SER A 88 -12.26 -20.65 -0.25
C SER A 88 -13.60 -20.23 -0.83
N ARG A 89 -14.65 -20.31 -0.03
CA ARG A 89 -15.97 -19.87 -0.50
C ARG A 89 -16.08 -18.35 -0.51
N GLU A 90 -15.60 -17.68 0.56
CA GLU A 90 -15.77 -16.24 0.65
C GLU A 90 -14.96 -15.52 -0.42
N ILE A 91 -13.79 -16.06 -0.78
CA ILE A 91 -13.02 -15.47 -1.87
C ILE A 91 -13.69 -15.72 -3.21
N LYS A 92 -14.05 -16.98 -3.48
CA LYS A 92 -14.63 -17.35 -4.77
C LYS A 92 -15.92 -16.59 -5.06
N SER A 93 -16.63 -16.13 -4.03
CA SER A 93 -17.88 -15.40 -4.26
C SER A 93 -17.61 -14.06 -4.91
N ALA A 94 -16.73 -13.26 -4.32
CA ALA A 94 -16.50 -11.91 -4.83
C ALA A 94 -15.82 -11.93 -6.19
N VAL A 95 -14.90 -12.89 -6.42
CA VAL A 95 -14.15 -12.89 -7.67
C VAL A 95 -15.08 -13.10 -8.86
N GLU A 96 -16.07 -13.98 -8.71
CA GLU A 96 -16.99 -14.25 -9.81
C GLU A 96 -18.01 -13.14 -9.99
N LYS A 97 -18.20 -12.29 -8.99
CA LYS A 97 -19.11 -11.16 -9.08
C LYS A 97 -18.44 -9.93 -9.68
N ASP A 98 -17.18 -10.06 -10.13
CA ASP A 98 -16.35 -9.05 -10.79
C ASP A 98 -15.72 -8.10 -9.77
N GLY A 99 -16.06 -8.19 -8.49
CA GLY A 99 -15.62 -7.20 -7.52
C GLY A 99 -14.28 -7.48 -6.87
N ALA A 100 -13.44 -8.28 -7.52
CA ALA A 100 -12.15 -8.67 -6.98
C ALA A 100 -11.04 -7.84 -7.60
N SER A 101 -10.17 -7.28 -6.76
CA SER A 101 -8.97 -6.59 -7.19
C SER A 101 -7.76 -7.26 -6.57
N ALA A 102 -6.71 -7.46 -7.37
CA ALA A 102 -5.50 -8.13 -6.91
C ALA A 102 -4.29 -7.26 -7.19
N THR A 103 -3.24 -7.44 -6.39
CA THR A 103 -2.00 -6.68 -6.51
C THR A 103 -0.83 -7.64 -6.38
N ILE A 104 0.00 -7.71 -7.43
CA ILE A 104 1.12 -8.64 -7.47
C ILE A 104 2.40 -7.89 -7.79
N ASP A 105 3.51 -8.36 -7.22
CA ASP A 105 4.82 -7.80 -7.47
C ASP A 105 5.87 -8.84 -7.12
N LEU A 106 7.11 -8.56 -7.51
CA LEU A 106 8.23 -9.45 -7.26
C LEU A 106 9.18 -8.86 -6.22
N TRP A 107 9.74 -9.74 -5.39
CA TRP A 107 10.62 -9.36 -4.29
C TRP A 107 11.67 -10.43 -4.12
N THR A 108 12.79 -10.08 -3.48
CA THR A 108 13.78 -11.05 -3.05
C THR A 108 14.25 -10.68 -1.65
N ASP A 109 14.37 -11.68 -0.78
CA ASP A 109 14.66 -11.43 0.61
C ASP A 109 16.14 -11.13 0.80
N ASN A 110 16.43 -10.36 1.85
CA ASN A 110 17.76 -9.79 2.05
C ASN A 110 18.79 -10.79 2.54
N TYR A 111 18.39 -12.04 2.85
CA TYR A 111 19.31 -13.01 3.41
C TYR A 111 19.51 -14.22 2.51
N ILE A 112 18.47 -15.03 2.27
CA ILE A 112 18.62 -16.20 1.40
C ILE A 112 18.60 -15.83 -0.08
N LYS A 113 18.15 -14.62 -0.43
CA LYS A 113 18.05 -14.16 -1.81
C LYS A 113 17.12 -15.04 -2.63
N ARG A 114 16.11 -15.62 -1.97
CA ARG A 114 15.08 -16.37 -2.66
C ARG A 114 14.23 -15.43 -3.49
N ASN A 115 14.02 -15.76 -4.77
CA ASN A 115 13.08 -15.00 -5.57
C ASN A 115 11.66 -15.26 -5.05
N PHE A 116 10.88 -14.19 -4.88
CA PHE A 116 9.55 -14.28 -4.29
C PHE A 116 8.53 -13.58 -5.16
N LEU A 117 7.28 -14.02 -5.04
CA LEU A 117 6.14 -13.40 -5.72
C LEU A 117 5.03 -13.16 -4.71
N GLY A 118 4.73 -11.91 -4.44
CA GLY A 118 3.62 -11.57 -3.58
C GLY A 118 2.34 -11.31 -4.37
N VAL A 119 1.21 -11.62 -3.74
CA VAL A 119 -0.12 -11.31 -4.28
C VAL A 119 -1.00 -10.87 -3.12
N THR A 120 -1.63 -9.71 -3.25
CA THR A 120 -2.65 -9.28 -2.30
C THR A 120 -3.97 -9.13 -3.03
N LEU A 121 -5.06 -9.29 -2.29
CA LEU A 121 -6.39 -9.23 -2.86
C LEU A 121 -7.19 -8.13 -2.18
N HIS A 122 -7.97 -7.39 -2.98
CA HIS A 122 -8.78 -6.29 -2.49
C HIS A 122 -10.18 -6.45 -3.02
N TYR A 123 -11.15 -6.63 -2.11
CA TYR A 123 -12.54 -6.74 -2.51
C TYR A 123 -13.40 -6.04 -1.47
N HIS A 124 -14.64 -5.76 -1.88
CA HIS A 124 -15.63 -5.07 -1.06
C HIS A 124 -16.67 -6.08 -0.60
N GLU A 125 -16.94 -6.11 0.70
CA GLU A 125 -18.04 -6.97 1.14
C GLU A 125 -19.34 -6.20 1.05
N ASN A 126 -19.60 -5.31 2.00
CA ASN A 126 -20.70 -4.36 1.86
C ASN A 126 -20.25 -2.96 2.29
N ASN A 127 -19.97 -2.80 3.58
CA ASN A 127 -19.66 -1.51 4.17
C ASN A 127 -18.16 -1.23 4.26
N GLU A 128 -17.31 -2.16 3.82
CA GLU A 128 -15.88 -2.02 4.06
C GLU A 128 -15.10 -2.66 2.92
N LEU A 129 -13.77 -2.59 3.02
CA LEU A 129 -12.85 -3.20 2.07
C LEU A 129 -11.87 -4.09 2.82
N ARG A 130 -11.42 -5.15 2.17
CA ARG A 130 -10.49 -6.09 2.76
C ARG A 130 -9.22 -6.16 1.91
N ASP A 131 -8.08 -5.87 2.53
CA ASP A 131 -6.77 -6.05 1.92
C ASP A 131 -6.07 -7.17 2.67
N LEU A 132 -5.81 -8.28 1.99
CA LEU A 132 -5.23 -9.44 2.66
C LEU A 132 -4.16 -10.07 1.78
N ILE A 133 -3.33 -10.90 2.43
CA ILE A 133 -2.19 -11.54 1.79
C ILE A 133 -2.65 -12.90 1.29
N LEU A 134 -2.76 -13.07 -0.02
CA LEU A 134 -3.13 -14.37 -0.57
C LEU A 134 -1.97 -15.35 -0.50
N GLY A 135 -0.75 -14.85 -0.65
CA GLY A 135 0.42 -15.67 -0.42
C GLY A 135 1.71 -15.01 -0.88
N LEU A 136 2.82 -15.52 -0.36
CA LEU A 136 4.15 -15.15 -0.81
C LEU A 136 4.88 -16.45 -1.09
N LYS A 137 5.14 -16.72 -2.36
CA LYS A 137 5.67 -18.01 -2.79
C LYS A 137 7.04 -17.83 -3.41
N SER A 138 7.95 -18.73 -3.05
CA SER A 138 9.30 -18.72 -3.61
C SER A 138 9.31 -19.35 -4.98
N LEU A 139 10.05 -18.75 -5.90
CA LEU A 139 10.29 -19.34 -7.21
C LEU A 139 11.52 -20.24 -7.21
N ASP A 140 12.18 -20.40 -6.07
CA ASP A 140 13.27 -21.35 -5.86
C ASP A 140 14.28 -21.31 -7.02
N PHE A 141 14.91 -20.15 -7.17
CA PHE A 141 15.99 -19.97 -8.14
C PHE A 141 15.53 -20.40 -9.53
N GLU A 142 14.43 -19.81 -9.98
CA GLU A 142 13.87 -20.06 -11.29
C GLU A 142 13.98 -18.79 -12.11
N ARG A 143 13.88 -18.97 -13.42
CA ARG A 143 14.19 -17.91 -14.38
C ARG A 143 13.52 -16.58 -14.05
N SER A 144 12.40 -16.60 -13.32
CA SER A 144 11.59 -15.41 -13.05
C SER A 144 10.98 -14.84 -14.33
N THR A 145 10.81 -15.68 -15.35
CA THR A 145 10.12 -15.26 -16.56
C THR A 145 8.63 -15.07 -16.29
N ALA A 146 7.98 -14.32 -17.17
CA ALA A 146 6.54 -14.14 -17.09
C ALA A 146 5.80 -15.48 -17.03
N GLU A 147 6.34 -16.49 -17.70
CA GLU A 147 5.68 -17.80 -17.73
C GLU A 147 5.64 -18.43 -16.35
N ASN A 148 6.72 -18.30 -15.58
CA ASN A 148 6.77 -18.92 -14.25
C ASN A 148 5.94 -18.15 -13.24
N ILE A 149 5.73 -16.85 -13.48
CA ILE A 149 4.95 -16.04 -12.54
C ILE A 149 3.46 -16.37 -12.68
N TYR A 150 2.94 -16.34 -13.91
CA TYR A 150 1.59 -16.81 -14.17
C TYR A 150 1.41 -18.22 -13.65
N LYS A 151 2.46 -19.04 -13.69
CA LYS A 151 2.43 -20.37 -13.11
C LYS A 151 2.20 -20.30 -11.61
N LYS A 152 3.06 -19.56 -10.89
CA LYS A 152 2.92 -19.48 -9.44
C LYS A 152 1.63 -18.76 -9.05
N LEU A 153 1.21 -17.78 -9.84
CA LEU A 153 -0.02 -17.06 -9.54
C LEU A 153 -1.21 -18.00 -9.53
N LYS A 154 -1.25 -18.95 -10.45
CA LYS A 154 -2.31 -19.96 -10.43
C LYS A 154 -2.21 -20.84 -9.19
N ALA A 155 -0.99 -21.27 -8.86
CA ALA A 155 -0.80 -22.15 -7.70
C ALA A 155 -1.30 -21.52 -6.42
N ILE A 156 -1.23 -20.19 -6.31
CA ILE A 156 -1.84 -19.51 -5.18
C ILE A 156 -3.35 -19.62 -5.25
N PHE A 157 -3.92 -19.28 -6.41
CA PHE A 157 -5.37 -19.40 -6.60
C PHE A 157 -5.84 -20.84 -6.51
N SER A 158 -4.99 -21.80 -6.88
CA SER A 158 -5.35 -23.20 -6.77
C SER A 158 -5.54 -23.64 -5.32
N GLN A 159 -5.04 -22.85 -4.35
CA GLN A 159 -5.25 -23.16 -2.95
C GLN A 159 -6.63 -22.74 -2.47
N PHE A 160 -7.19 -21.67 -3.03
CA PHE A 160 -8.55 -21.24 -2.75
C PHE A 160 -9.54 -21.76 -3.76
N ASN A 161 -9.08 -22.59 -4.71
CA ASN A 161 -9.86 -23.32 -5.72
C ASN A 161 -10.24 -22.43 -6.89
N VAL A 162 -9.87 -21.15 -6.88
CA VAL A 162 -10.25 -20.25 -7.97
C VAL A 162 -9.36 -20.55 -9.17
N GLU A 163 -9.99 -20.93 -10.28
CA GLU A 163 -9.26 -21.01 -11.54
C GLU A 163 -10.14 -20.40 -12.62
N ASP A 164 -9.73 -19.26 -13.17
CA ASP A 164 -10.47 -18.74 -14.31
C ASP A 164 -9.57 -18.11 -15.38
N LEU A 165 -8.90 -17.00 -15.01
CA LEU A 165 -8.17 -16.03 -15.82
C LEU A 165 -9.04 -14.89 -16.33
N SER A 166 -10.37 -14.98 -16.29
CA SER A 166 -11.13 -13.75 -16.55
C SER A 166 -12.22 -13.65 -15.50
N SER A 167 -11.89 -12.93 -14.45
CA SER A 167 -12.80 -12.15 -13.63
C SER A 167 -12.00 -10.99 -13.09
N ILE A 168 -10.95 -11.36 -12.35
CA ILE A 168 -10.11 -10.51 -11.52
C ILE A 168 -9.52 -9.33 -12.27
N LYS A 169 -9.30 -8.23 -11.56
CA LYS A 169 -8.66 -7.02 -12.06
C LYS A 169 -7.32 -6.86 -11.34
N PHE A 170 -6.23 -6.90 -12.11
CA PHE A 170 -4.88 -6.89 -11.57
C PHE A 170 -4.26 -5.51 -11.74
N VAL A 171 -3.63 -5.01 -10.68
CA VAL A 171 -2.90 -3.76 -10.72
C VAL A 171 -1.43 -4.06 -10.43
N THR A 172 -0.55 -3.54 -11.28
CA THR A 172 0.88 -3.81 -11.14
C THR A 172 1.69 -2.74 -11.85
N ASP A 173 2.97 -2.68 -11.52
CA ASP A 173 3.89 -1.79 -12.20
C ASP A 173 4.19 -2.32 -13.60
N ARG A 174 5.06 -1.62 -14.32
CA ARG A 174 5.30 -1.90 -15.73
C ARG A 174 6.50 -2.82 -15.97
N GLY A 175 7.06 -3.42 -14.93
CA GLY A 175 8.13 -4.39 -15.11
C GLY A 175 7.81 -5.43 -16.15
N ALA A 176 8.79 -5.78 -16.99
CA ALA A 176 8.52 -6.58 -18.18
C ALA A 176 8.03 -7.98 -17.82
N ASN A 177 8.64 -8.62 -16.82
CA ASN A 177 8.16 -9.92 -16.35
C ASN A 177 6.67 -9.87 -16.05
N VAL A 178 6.32 -9.05 -15.05
CA VAL A 178 4.93 -8.97 -14.61
C VAL A 178 4.01 -8.56 -15.75
N VAL A 179 4.40 -7.56 -16.55
CA VAL A 179 3.44 -7.00 -17.49
C VAL A 179 3.01 -8.02 -18.52
N LYS A 180 3.95 -8.88 -18.96
CA LYS A 180 3.63 -9.90 -19.93
C LYS A 180 2.90 -11.08 -19.29
N SER A 181 3.23 -11.39 -18.03
CA SER A 181 2.58 -12.51 -17.38
C SER A 181 1.07 -12.30 -17.28
N LEU A 182 0.63 -11.04 -17.18
CA LEU A 182 -0.78 -10.69 -17.08
C LEU A 182 -1.40 -10.36 -18.43
N ALA A 183 -0.67 -10.57 -19.53
CA ALA A 183 -1.13 -10.11 -20.84
C ALA A 183 -2.49 -10.68 -21.22
N ASN A 184 -2.95 -11.74 -20.56
CA ASN A 184 -4.18 -12.41 -20.94
C ASN A 184 -5.42 -11.89 -20.21
N ASN A 185 -5.30 -10.88 -19.35
CA ASN A 185 -6.47 -10.41 -18.62
C ASN A 185 -6.23 -8.99 -18.13
N ILE A 186 -7.11 -8.53 -17.23
CA ILE A 186 -7.16 -7.12 -16.84
C ILE A 186 -5.88 -6.71 -16.13
N ARG A 187 -5.33 -5.56 -16.53
CA ARG A 187 -4.08 -5.07 -15.98
C ARG A 187 -4.13 -3.56 -15.83
N ILE A 188 -3.78 -3.07 -14.65
CA ILE A 188 -3.82 -1.65 -14.34
C ILE A 188 -2.42 -1.24 -13.91
N ASN A 189 -1.81 -0.31 -14.64
CA ASN A 189 -0.48 0.16 -14.29
C ASN A 189 -0.53 0.96 -13.00
N CYS A 190 0.31 0.59 -12.03
CA CYS A 190 0.30 1.20 -10.72
C CYS A 190 0.64 2.69 -10.80
N SER A 191 -0.22 3.53 -10.21
CA SER A 191 -0.04 4.97 -10.28
C SER A 191 1.06 5.48 -9.35
N SER A 192 1.56 4.64 -8.44
CA SER A 192 2.69 5.07 -7.62
C SER A 192 3.99 4.97 -8.40
N HIS A 193 4.20 3.88 -9.14
CA HIS A 193 5.38 3.76 -9.99
C HIS A 193 5.34 4.79 -11.11
N LEU A 194 4.16 5.00 -11.71
CA LEU A 194 4.04 6.00 -12.76
C LEU A 194 4.43 7.39 -12.26
N LEU A 195 3.93 7.76 -11.07
CA LEU A 195 4.31 9.05 -10.50
C LEU A 195 5.81 9.13 -10.27
N SER A 196 6.39 8.09 -9.65
CA SER A 196 7.82 8.10 -9.42
C SER A 196 8.59 8.13 -10.73
N ASN A 197 8.01 7.56 -11.79
CA ASN A 197 8.62 7.72 -13.11
C ASN A 197 8.59 9.17 -13.55
N VAL A 198 7.41 9.79 -13.54
CA VAL A 198 7.28 11.17 -14.01
C VAL A 198 8.23 12.08 -13.24
N LEU A 199 8.23 11.96 -11.92
CA LEU A 199 9.11 12.75 -11.08
C LEU A 199 10.58 12.51 -11.43
N GLU A 200 11.05 11.28 -11.24
CA GLU A 200 12.46 10.96 -11.45
C GLU A 200 12.91 11.28 -12.86
N ASN A 201 12.07 11.01 -13.85
CA ASN A 201 12.43 11.32 -15.23
C ASN A 201 12.65 12.81 -15.44
N SER A 202 11.94 13.65 -14.70
CA SER A 202 12.00 15.09 -14.95
C SER A 202 13.30 15.70 -14.42
N PHE A 203 13.75 15.28 -13.23
CA PHE A 203 15.00 15.81 -12.71
C PHE A 203 16.17 15.39 -13.58
N GLU A 204 16.12 14.17 -14.12
CA GLU A 204 17.10 13.74 -15.11
C GLU A 204 17.12 14.69 -16.30
N GLU A 205 15.94 15.21 -16.69
CA GLU A 205 15.79 16.12 -17.81
C GLU A 205 15.93 17.58 -17.43
N THR A 206 16.24 17.88 -16.16
CA THR A 206 16.57 19.23 -15.72
C THR A 206 17.91 19.20 -14.97
N PRO A 207 19.00 18.82 -15.65
CA PRO A 207 20.29 18.71 -14.96
C PRO A 207 20.80 20.03 -14.41
N GLU A 208 20.21 21.15 -14.84
CA GLU A 208 20.61 22.46 -14.32
C GLU A 208 20.47 22.52 -12.80
N LEU A 209 19.59 21.71 -12.22
CA LEU A 209 19.40 21.64 -10.78
C LEU A 209 20.27 20.59 -10.11
N ASN A 210 21.08 19.86 -10.88
CA ASN A 210 21.88 18.80 -10.27
C ASN A 210 22.93 19.34 -9.32
N MET A 211 23.47 20.54 -9.60
CA MET A 211 24.50 21.08 -8.72
C MET A 211 23.97 21.38 -7.30
N PRO A 212 22.78 21.99 -7.14
CA PRO A 212 22.25 22.10 -5.77
C PRO A 212 21.96 20.75 -5.12
N ILE A 213 21.39 19.80 -5.86
CA ILE A 213 21.05 18.50 -5.26
C ILE A 213 22.32 17.78 -4.83
N LEU A 214 23.31 17.70 -5.72
CA LEU A 214 24.50 16.91 -5.45
C LEU A 214 25.26 17.43 -4.24
N ALA A 215 25.39 18.76 -4.11
CA ALA A 215 26.06 19.32 -2.94
C ALA A 215 25.35 18.90 -1.66
N CYS A 216 24.01 18.92 -1.67
CA CYS A 216 23.26 18.42 -0.52
C CYS A 216 23.62 16.97 -0.22
N LYS A 217 23.57 16.11 -1.24
CA LYS A 217 23.97 14.73 -1.06
C LYS A 217 25.39 14.64 -0.51
N ASN A 218 26.26 15.55 -0.94
CA ASN A 218 27.63 15.55 -0.42
C ASN A 218 27.68 16.06 1.01
N ILE A 219 26.72 16.92 1.39
CA ILE A 219 26.61 17.32 2.79
C ILE A 219 26.15 16.13 3.64
N VAL A 220 25.12 15.42 3.18
CA VAL A 220 24.60 14.27 3.91
C VAL A 220 25.69 13.22 4.09
N LYS A 221 26.44 12.95 3.03
CA LYS A 221 27.50 11.94 3.09
C LYS A 221 28.55 12.31 4.14
N TYR A 222 28.79 13.60 4.35
CA TYR A 222 29.83 14.02 5.29
C TYR A 222 29.40 13.77 6.73
N PHE A 223 28.19 14.21 7.09
CA PHE A 223 27.71 14.00 8.45
C PHE A 223 27.68 12.52 8.81
N LYS A 224 27.41 11.65 7.84
CA LYS A 224 27.40 10.22 8.13
C LYS A 224 28.82 9.68 8.27
N LYS A 225 29.77 10.18 7.46
CA LYS A 225 31.14 9.68 7.53
C LYS A 225 31.90 10.26 8.71
N ALA A 226 31.53 11.44 9.18
CA ALA A 226 32.26 12.12 10.24
C ALA A 226 31.81 11.69 11.63
N ASN A 227 30.91 10.73 11.73
CA ASN A 227 30.20 10.38 12.97
C ASN A 227 29.43 11.58 13.51
N LEU A 228 29.09 12.52 12.64
CA LEU A 228 28.28 13.68 12.97
C LEU A 228 26.82 13.28 12.96
N GLN A 229 25.92 14.27 12.93
CA GLN A 229 24.50 14.08 13.19
C GLN A 229 24.25 13.70 14.64
N HIS A 230 25.18 14.03 15.54
CA HIS A 230 24.98 13.83 16.96
C HIS A 230 23.83 14.67 17.50
N ARG A 231 23.36 15.64 16.73
CA ARG A 231 22.43 16.66 17.20
C ARG A 231 21.56 17.07 16.02
N LEU A 232 20.96 18.27 16.12
CA LEU A 232 20.01 18.90 15.22
C LEU A 232 18.60 18.41 15.55
N ARG A 233 18.52 17.31 16.29
CA ARG A 233 17.25 16.71 16.69
C ARG A 233 16.36 16.43 15.46
N SER A 234 16.96 16.46 14.28
CA SER A 234 16.38 15.90 13.08
C SER A 234 17.53 15.42 12.23
N SER A 235 17.47 14.18 11.76
CA SER A 235 18.55 13.63 10.96
C SER A 235 18.50 14.17 9.54
N LEU A 236 19.64 14.08 8.86
CA LEU A 236 19.70 14.34 7.42
C LEU A 236 19.53 13.02 6.68
N LYS A 237 18.49 12.94 5.85
CA LYS A 237 18.19 11.74 5.08
C LYS A 237 19.08 11.63 3.84
N SER A 238 19.22 10.41 3.33
CA SER A 238 20.10 10.12 2.21
C SER A 238 19.29 9.81 0.95
N GLU A 239 19.90 10.05 -0.20
CA GLU A 239 19.22 9.95 -1.50
C GLU A 239 18.53 8.60 -1.71
N CYS A 240 19.32 7.54 -1.96
CA CYS A 240 18.80 6.20 -2.20
C CYS A 240 17.64 6.24 -3.20
N PRO A 241 17.93 6.44 -4.50
CA PRO A 241 16.86 6.76 -5.46
C PRO A 241 15.80 5.68 -5.61
N THR A 242 16.05 4.45 -5.16
CA THR A 242 15.04 3.41 -5.27
C THR A 242 13.78 3.78 -4.48
N ARG A 243 13.93 4.51 -3.39
CA ARG A 243 12.81 4.88 -2.55
C ARG A 243 11.97 5.99 -3.18
N TRP A 244 10.66 5.87 -3.04
CA TRP A 244 9.74 6.82 -3.66
C TRP A 244 9.88 8.20 -3.05
N ASN A 245 9.95 9.21 -3.92
CA ASN A 245 10.11 10.61 -3.52
C ASN A 245 11.17 10.77 -2.43
N SER A 246 12.26 10.01 -2.57
CA SER A 246 13.35 10.07 -1.62
C SER A 246 14.20 11.33 -1.78
N THR A 247 13.99 12.09 -2.86
CA THR A 247 14.69 13.35 -3.02
C THR A 247 14.04 14.47 -2.20
N TYR A 248 12.73 14.38 -1.97
CA TYR A 248 12.06 15.38 -1.14
C TYR A 248 12.39 15.18 0.33
N THR A 249 12.42 13.92 0.78
CA THR A 249 12.78 13.65 2.17
C THR A 249 14.20 14.13 2.46
N MET A 250 15.12 13.96 1.49
CA MET A 250 16.50 14.39 1.70
C MET A 250 16.60 15.90 1.77
N LEU A 251 15.86 16.62 0.92
CA LEU A 251 16.00 18.07 0.87
C LEU A 251 15.37 18.73 2.09
N ARG A 252 14.18 18.28 2.48
CA ARG A 252 13.52 18.86 3.66
C ARG A 252 14.34 18.63 4.91
N SER A 253 15.06 17.51 4.99
CA SER A 253 15.91 17.27 6.16
C SER A 253 17.05 18.28 6.20
N ILE A 254 17.67 18.55 5.05
CA ILE A 254 18.69 19.59 4.97
C ILE A 254 18.11 20.93 5.38
N LEU A 255 16.89 21.22 4.92
CA LEU A 255 16.35 22.57 5.03
C LEU A 255 15.97 22.91 6.46
N ASP A 256 15.27 22.00 7.14
CA ASP A 256 14.80 22.29 8.49
C ASP A 256 15.98 22.51 9.44
N ASN A 257 17.09 21.83 9.21
CA ASN A 257 18.29 21.94 10.03
C ASN A 257 19.31 22.93 9.48
N TRP A 258 18.93 23.72 8.46
CA TRP A 258 19.85 24.65 7.81
C TRP A 258 20.65 25.48 8.82
N GLU A 259 20.00 25.90 9.91
CA GLU A 259 20.67 26.76 10.88
C GLU A 259 21.85 26.05 11.54
N SER A 260 21.64 24.81 12.00
CA SER A 260 22.69 24.11 12.73
C SER A 260 23.72 23.48 11.81
N VAL A 261 23.35 23.10 10.58
CA VAL A 261 24.28 22.38 9.73
C VAL A 261 25.44 23.26 9.31
N ILE A 262 25.17 24.54 9.03
CA ILE A 262 26.25 25.44 8.65
C ILE A 262 27.16 25.71 9.82
N GLN A 263 26.62 25.72 11.04
CA GLN A 263 27.45 25.89 12.22
C GLN A 263 28.44 24.74 12.34
N ILE A 264 27.96 23.51 12.18
CA ILE A 264 28.86 22.36 12.23
C ILE A 264 29.82 22.36 11.04
N LEU A 265 29.32 22.76 9.87
CA LEU A 265 30.18 22.86 8.68
C LEU A 265 31.28 23.90 8.84
N SER A 266 31.18 24.77 9.85
CA SER A 266 32.18 25.82 10.04
C SER A 266 33.41 25.27 10.77
N GLU A 267 33.23 24.82 12.01
CA GLU A 267 34.33 24.34 12.83
C GLU A 267 35.18 23.31 12.10
N ALA A 268 34.56 22.50 11.23
CA ALA A 268 35.31 21.53 10.45
C ALA A 268 36.19 22.18 9.40
N GLY A 269 36.02 23.48 9.13
CA GLY A 269 36.70 24.10 8.02
C GLY A 269 36.24 23.63 6.66
N GLU A 270 35.26 22.74 6.61
CA GLU A 270 34.73 22.11 5.42
C GLU A 270 33.56 22.90 4.82
N THR A 271 33.35 24.13 5.26
CA THR A 271 32.26 25.01 4.84
C THR A 271 32.24 25.23 3.33
N GLN A 272 33.29 24.77 2.64
CA GLN A 272 33.22 24.67 1.17
C GLN A 272 31.99 23.90 0.71
N ARG A 273 31.63 22.82 1.41
CA ARG A 273 30.57 21.92 0.98
C ARG A 273 29.18 22.55 1.00
N ILE A 274 29.01 23.72 1.60
CA ILE A 274 27.70 24.33 1.82
C ILE A 274 27.53 25.61 0.99
N VAL A 275 28.45 26.56 1.16
CA VAL A 275 28.29 27.94 0.67
C VAL A 275 27.86 28.01 -0.79
N HIS A 276 28.15 26.99 -1.58
CA HIS A 276 27.78 27.00 -2.99
C HIS A 276 26.32 26.63 -3.24
N ILE A 277 25.54 26.33 -2.20
CA ILE A 277 24.15 25.93 -2.35
C ILE A 277 23.26 27.16 -2.26
N ASN A 278 22.41 27.35 -3.26
CA ASN A 278 21.40 28.39 -3.20
C ASN A 278 20.24 27.89 -2.34
N LYS A 279 20.01 28.54 -1.22
CA LYS A 279 18.91 28.16 -0.34
C LYS A 279 17.57 28.58 -0.92
N SER A 280 17.54 29.69 -1.65
CA SER A 280 16.30 30.12 -2.28
C SER A 280 15.71 29.01 -3.15
N ILE A 281 16.57 28.29 -3.88
CA ILE A 281 16.10 27.24 -4.77
C ILE A 281 15.69 26.00 -3.97
N ILE A 282 16.54 25.57 -3.05
CA ILE A 282 16.23 24.40 -2.23
C ILE A 282 14.87 24.55 -1.58
N GLN A 283 14.56 25.75 -1.11
CA GLN A 283 13.24 26.01 -0.54
C GLN A 283 12.16 25.79 -1.58
N THR A 284 12.32 26.41 -2.76
CA THR A 284 11.25 26.35 -3.76
C THR A 284 11.00 24.92 -4.21
N MET A 285 12.03 24.07 -4.17
CA MET A 285 11.83 22.68 -4.55
C MET A 285 10.96 21.93 -3.55
N VAL A 286 11.28 22.03 -2.27
CA VAL A 286 10.54 21.26 -1.26
C VAL A 286 9.10 21.74 -1.16
N ASN A 287 8.84 23.03 -1.41
CA ASN A 287 7.47 23.50 -1.44
C ASN A 287 6.70 22.86 -2.59
N ILE A 288 7.31 22.80 -3.77
CA ILE A 288 6.64 22.20 -4.92
C ILE A 288 6.58 20.69 -4.77
N LEU A 289 7.56 20.08 -4.10
CA LEU A 289 7.58 18.64 -3.89
C LEU A 289 6.79 18.19 -2.67
N ASP A 290 6.42 19.10 -1.77
CA ASP A 290 5.56 18.73 -0.67
C ASP A 290 4.16 18.37 -1.14
N GLY A 291 3.69 19.02 -2.20
CA GLY A 291 2.40 18.65 -2.78
C GLY A 291 2.41 17.23 -3.33
N PHE A 292 3.53 16.81 -3.91
CA PHE A 292 3.64 15.44 -4.40
C PHE A 292 3.57 14.45 -3.24
N GLU A 293 4.21 14.78 -2.11
CA GLU A 293 4.25 13.85 -0.99
C GLU A 293 2.85 13.55 -0.48
N ARG A 294 1.96 14.54 -0.52
CA ARG A 294 0.57 14.26 -0.14
C ARG A 294 -0.10 13.36 -1.16
N ILE A 295 0.21 13.55 -2.45
CA ILE A 295 -0.34 12.70 -3.49
C ILE A 295 0.24 11.29 -3.38
N PHE A 296 1.54 11.19 -3.06
CA PHE A 296 2.16 9.88 -2.92
C PHE A 296 1.49 9.06 -1.81
N LYS A 297 1.18 9.71 -0.68
CA LYS A 297 0.43 9.02 0.37
C LYS A 297 -1.01 8.81 -0.04
N GLU A 298 -1.58 9.80 -0.73
CA GLU A 298 -2.98 9.73 -1.17
C GLU A 298 -3.26 8.47 -1.98
N LEU A 299 -2.31 8.06 -2.83
CA LEU A 299 -2.50 6.94 -3.74
C LEU A 299 -1.99 5.62 -3.21
N GLN A 300 -1.45 5.59 -2.00
CA GLN A 300 -1.06 4.33 -1.37
C GLN A 300 -2.17 3.72 -0.53
N THR A 301 -3.36 4.31 -0.52
CA THR A 301 -4.41 3.91 0.42
C THR A 301 -5.13 2.68 -0.10
N CYS A 302 -5.03 1.58 0.65
CA CYS A 302 -5.88 0.41 0.50
C CYS A 302 -6.97 0.32 1.55
N SER A 303 -7.02 1.25 2.50
CA SER A 303 -8.05 1.28 3.54
C SER A 303 -9.23 2.16 3.15
N SER A 304 -9.28 2.62 1.90
CA SER A 304 -10.24 3.59 1.38
C SER A 304 -10.01 3.73 -0.12
N PRO A 305 -11.02 4.14 -0.90
CA PRO A 305 -10.85 4.21 -2.34
C PRO A 305 -9.70 5.14 -2.73
N SER A 306 -8.94 4.70 -3.73
CA SER A 306 -7.75 5.39 -4.21
C SER A 306 -7.87 5.63 -5.72
N LEU A 307 -8.07 4.55 -6.47
CA LEU A 307 -8.13 4.60 -7.94
C LEU A 307 -8.99 5.76 -8.45
N CYS A 308 -10.05 6.11 -7.71
CA CYS A 308 -10.85 7.26 -8.09
C CYS A 308 -10.07 8.56 -8.02
N PHE A 309 -8.97 8.61 -7.28
CA PHE A 309 -8.21 9.84 -7.08
C PHE A 309 -7.06 10.02 -8.07
N VAL A 310 -6.88 9.10 -9.02
CA VAL A 310 -5.81 9.21 -10.01
C VAL A 310 -5.98 10.48 -10.82
N VAL A 311 -7.06 10.56 -11.62
CA VAL A 311 -7.29 11.76 -12.44
C VAL A 311 -7.34 13.02 -11.64
N PRO A 312 -7.93 13.09 -10.43
CA PRO A 312 -7.87 14.34 -9.65
C PRO A 312 -6.46 14.84 -9.40
N SER A 313 -5.54 13.95 -9.00
CA SER A 313 -4.21 14.39 -8.60
C SER A 313 -3.39 14.92 -9.78
N ILE A 314 -3.58 14.33 -10.96
CA ILE A 314 -2.87 14.81 -12.15
C ILE A 314 -3.12 16.30 -12.34
N LEU A 315 -4.39 16.69 -12.33
CA LEU A 315 -4.75 18.10 -12.35
C LEU A 315 -4.00 18.88 -11.28
N LYS A 316 -4.05 18.38 -10.03
CA LYS A 316 -3.32 19.01 -8.93
C LYS A 316 -1.84 19.13 -9.23
N VAL A 317 -1.28 18.16 -9.97
CA VAL A 317 0.11 18.28 -10.39
C VAL A 317 0.26 19.37 -11.45
N LYS A 318 -0.72 19.48 -12.36
CA LYS A 318 -0.63 20.50 -13.39
C LYS A 318 -0.77 21.90 -12.81
N GLU A 319 -1.53 22.05 -11.73
CA GLU A 319 -1.76 23.38 -11.16
C GLU A 319 -0.61 23.82 -10.28
N ILE A 320 0.02 22.91 -9.55
CA ILE A 320 1.18 23.29 -8.74
C ILE A 320 2.32 23.74 -9.62
N CYS A 321 2.34 23.30 -10.88
CA CYS A 321 3.34 23.69 -11.87
C CYS A 321 2.90 24.84 -12.77
N SER A 322 1.74 25.44 -12.50
CA SER A 322 1.27 26.57 -13.27
C SER A 322 2.36 27.63 -13.34
N PRO A 323 2.81 28.03 -14.54
CA PRO A 323 3.97 28.91 -14.64
C PRO A 323 3.74 30.25 -13.97
N ASP A 324 4.67 30.64 -13.11
CA ASP A 324 4.69 31.95 -12.47
C ASP A 324 5.81 32.77 -13.09
N VAL A 325 5.53 34.03 -13.41
CA VAL A 325 6.57 34.92 -13.89
C VAL A 325 7.64 35.10 -12.82
N GLY A 326 7.23 35.06 -11.55
CA GLY A 326 8.15 35.14 -10.44
C GLY A 326 8.96 33.90 -10.16
N ASP A 327 8.85 32.88 -11.01
CA ASP A 327 9.60 31.64 -10.82
C ASP A 327 10.97 31.80 -11.44
N VAL A 328 12.00 31.70 -10.58
CA VAL A 328 13.39 31.74 -11.06
C VAL A 328 13.57 30.68 -12.12
N ALA A 329 14.36 31.00 -13.15
CA ALA A 329 14.65 30.00 -14.16
C ALA A 329 15.41 28.83 -13.53
N ASP A 330 15.36 27.69 -14.22
CA ASP A 330 15.73 26.35 -13.75
C ASP A 330 14.61 25.76 -12.89
N ILE A 331 13.74 26.61 -12.34
CA ILE A 331 12.50 26.10 -11.76
C ILE A 331 11.42 25.98 -12.81
N ALA A 332 11.29 26.99 -13.68
CA ALA A 332 10.30 26.91 -14.74
C ALA A 332 10.60 25.76 -15.69
N LYS A 333 11.89 25.50 -15.93
CA LYS A 333 12.26 24.31 -16.71
C LYS A 333 11.81 23.05 -16.01
N LEU A 334 11.87 23.04 -14.68
CA LEU A 334 11.34 21.91 -13.92
C LEU A 334 9.83 21.81 -14.10
N LYS A 335 9.10 22.91 -13.87
CA LYS A 335 7.66 22.94 -14.08
C LYS A 335 7.29 22.44 -15.47
N VAL A 336 8.05 22.88 -16.47
CA VAL A 336 7.86 22.42 -17.85
C VAL A 336 7.96 20.91 -17.93
N ASN A 337 9.15 20.38 -17.59
CA ASN A 337 9.40 18.96 -17.75
C ASN A 337 8.44 18.13 -16.91
N ILE A 338 7.95 18.67 -15.78
CA ILE A 338 6.98 17.94 -14.98
C ILE A 338 5.71 17.71 -15.79
N ILE A 339 5.09 18.80 -16.27
CA ILE A 339 3.83 18.67 -16.99
C ILE A 339 4.03 17.93 -18.31
N LYS A 340 5.24 18.02 -18.89
CA LYS A 340 5.49 17.31 -20.14
C LYS A 340 5.45 15.80 -19.92
N ASN A 341 6.02 15.32 -18.82
CA ASN A 341 6.07 13.89 -18.58
C ASN A 341 4.72 13.34 -18.10
N VAL A 342 3.94 14.16 -17.39
CA VAL A 342 2.63 13.70 -16.91
C VAL A 342 1.78 13.23 -18.07
N ARG A 343 1.92 13.86 -19.24
CA ARG A 343 1.20 13.45 -20.44
C ARG A 343 1.78 12.15 -20.98
N ILE A 344 3.04 12.20 -21.43
CA ILE A 344 3.62 11.06 -22.13
C ILE A 344 3.90 9.87 -21.23
N ILE A 345 3.85 10.03 -19.92
CA ILE A 345 4.10 8.91 -19.02
C ILE A 345 2.81 8.54 -18.29
N TRP A 346 2.37 9.40 -17.38
CA TRP A 346 1.24 9.02 -16.54
C TRP A 346 -0.06 8.98 -17.34
N GLU A 347 -0.37 10.05 -18.06
CA GLU A 347 -1.61 10.07 -18.84
C GLU A 347 -1.59 9.01 -19.93
N GLU A 348 -0.42 8.78 -20.54
CA GLU A 348 -0.35 7.81 -21.64
C GLU A 348 -0.64 6.39 -21.17
N ASN A 349 -0.38 6.09 -19.90
CA ASN A 349 -0.57 4.75 -19.35
C ASN A 349 -1.89 4.54 -18.61
N LEU A 350 -2.79 5.52 -18.62
CA LEU A 350 -4.05 5.41 -17.90
C LEU A 350 -5.14 4.79 -18.78
N SER A 351 -5.91 3.86 -18.21
CA SER A 351 -6.95 3.16 -18.94
C SER A 351 -8.34 3.65 -18.54
N ILE A 352 -9.37 3.02 -19.10
CA ILE A 352 -10.75 3.45 -18.89
C ILE A 352 -11.15 3.29 -17.43
N TRP A 353 -10.55 2.33 -16.72
CA TRP A 353 -10.88 2.10 -15.32
C TRP A 353 -10.50 3.29 -14.43
N HIS A 354 -9.61 4.18 -14.90
CA HIS A 354 -9.20 5.33 -14.12
C HIS A 354 -10.24 6.45 -14.18
N TYR A 355 -10.84 6.68 -15.35
CA TYR A 355 -11.89 7.68 -15.48
C TYR A 355 -13.21 7.18 -14.92
N THR A 356 -13.53 5.90 -15.15
CA THR A 356 -14.78 5.34 -14.64
C THR A 356 -14.80 5.33 -13.11
N ALA A 357 -13.64 5.20 -12.47
CA ALA A 357 -13.59 5.37 -11.02
C ALA A 357 -13.83 6.81 -10.60
N PHE A 358 -13.47 7.77 -11.47
CA PHE A 358 -13.75 9.18 -11.18
C PHE A 358 -15.18 9.55 -11.53
N PHE A 359 -15.76 8.90 -12.54
CA PHE A 359 -17.15 9.14 -12.89
C PHE A 359 -18.08 8.83 -11.73
N PHE A 360 -17.68 7.92 -10.85
CA PHE A 360 -18.50 7.51 -9.72
C PHE A 360 -18.25 8.35 -8.48
N TYR A 361 -17.44 9.40 -8.59
CA TYR A 361 -17.32 10.40 -7.53
C TYR A 361 -18.34 11.50 -7.78
N PRO A 362 -19.25 11.78 -6.84
CA PRO A 362 -20.44 12.60 -7.14
C PRO A 362 -20.11 13.94 -7.78
N PRO A 363 -18.93 14.81 -7.19
CA PRO A 363 -18.53 16.03 -7.93
C PRO A 363 -17.74 15.70 -9.19
N ALA A 364 -18.40 15.00 -10.11
CA ALA A 364 -17.79 14.53 -11.35
C ALA A 364 -18.00 15.49 -12.53
N LEU A 365 -18.58 16.66 -12.27
CA LEU A 365 -18.87 17.62 -13.34
C LEU A 365 -17.62 18.06 -14.09
N HIS A 366 -16.43 17.76 -13.57
CA HIS A 366 -15.17 18.25 -14.11
C HIS A 366 -15.03 17.98 -15.61
N MET A 367 -14.91 16.72 -16.01
CA MET A 367 -14.85 16.38 -17.43
C MET A 367 -16.23 15.89 -17.85
N GLN A 368 -16.97 16.77 -18.51
CA GLN A 368 -18.17 16.43 -19.26
C GLN A 368 -17.88 16.33 -20.75
N GLN A 369 -16.63 16.57 -21.14
CA GLN A 369 -16.15 16.49 -22.51
C GLN A 369 -15.92 15.03 -22.87
N GLU A 370 -15.10 14.79 -23.89
CA GLU A 370 -15.10 13.55 -24.67
C GLU A 370 -15.02 12.28 -23.83
N LYS A 371 -14.76 12.40 -22.54
CA LYS A 371 -14.72 11.22 -21.68
C LYS A 371 -16.09 10.68 -21.31
N VAL A 372 -17.17 11.45 -21.50
CA VAL A 372 -18.48 10.99 -21.05
C VAL A 372 -18.97 9.82 -21.90
N ALA A 373 -18.83 9.92 -23.23
CA ALA A 373 -19.32 8.87 -24.10
C ALA A 373 -18.54 7.57 -23.93
N GLN A 374 -17.25 7.68 -23.60
CA GLN A 374 -16.44 6.47 -23.42
C GLN A 374 -16.87 5.71 -22.18
N ILE A 375 -17.21 6.43 -21.10
CA ILE A 375 -17.73 5.76 -19.90
C ILE A 375 -19.04 5.05 -20.23
N LYS A 376 -19.87 5.68 -21.06
CA LYS A 376 -21.16 5.10 -21.43
C LYS A 376 -20.98 3.73 -22.05
N GLU A 377 -20.18 3.64 -23.11
CA GLU A 377 -19.94 2.36 -23.74
C GLU A 377 -19.29 1.37 -22.78
N PHE A 378 -18.56 1.86 -21.78
CA PHE A 378 -17.89 0.96 -20.83
C PHE A 378 -18.87 0.40 -19.80
N CYS A 379 -19.33 1.25 -18.87
CA CYS A 379 -20.16 0.79 -17.76
C CYS A 379 -21.49 0.23 -18.20
N LEU A 380 -21.88 0.41 -19.47
CA LEU A 380 -23.08 -0.25 -19.95
C LEU A 380 -22.85 -1.74 -20.14
N SER A 381 -21.66 -2.11 -20.62
CA SER A 381 -21.38 -3.51 -20.91
C SER A 381 -21.10 -4.31 -19.63
N LYS A 382 -20.41 -3.70 -18.66
CA LYS A 382 -20.11 -4.40 -17.40
C LYS A 382 -21.30 -4.50 -16.47
N MET A 383 -22.34 -3.67 -16.66
CA MET A 383 -23.54 -3.80 -15.84
C MET A 383 -24.35 -5.03 -16.25
N GLU A 384 -24.44 -5.30 -17.55
CA GLU A 384 -25.06 -6.53 -17.99
C GLU A 384 -24.15 -7.73 -17.71
N ASP A 385 -22.83 -7.50 -17.69
CA ASP A 385 -21.89 -8.56 -17.40
C ASP A 385 -21.98 -9.00 -15.94
N LEU A 386 -22.26 -8.06 -15.02
CA LEU A 386 -22.55 -8.44 -13.65
C LEU A 386 -23.97 -8.96 -13.50
N GLU A 387 -24.86 -8.59 -14.42
CA GLU A 387 -26.19 -9.20 -14.46
C GLU A 387 -26.15 -10.62 -14.99
N LEU A 388 -25.18 -10.91 -15.88
CA LEU A 388 -24.97 -12.28 -16.33
C LEU A 388 -24.67 -13.21 -15.16
N ILE A 389 -24.05 -12.68 -14.10
CA ILE A 389 -23.66 -13.50 -12.97
C ILE A 389 -24.83 -13.76 -12.03
N ASN A 390 -25.62 -12.72 -11.74
CA ASN A 390 -26.68 -12.85 -10.75
C ASN A 390 -27.83 -13.72 -11.24
N ARG A 391 -28.00 -13.86 -12.56
CA ARG A 391 -28.98 -14.79 -13.08
C ARG A 391 -28.54 -16.24 -12.88
N MET A 392 -27.23 -16.49 -12.99
CA MET A 392 -26.65 -17.80 -12.71
C MET A 392 -26.76 -18.18 -11.24
N SER A 393 -27.23 -17.28 -10.38
CA SER A 393 -27.32 -17.51 -8.95
C SER A 393 -28.63 -18.17 -8.54
N SER A 394 -29.48 -18.53 -9.49
CA SER A 394 -30.74 -19.20 -9.18
C SER A 394 -30.47 -20.65 -8.80
N PHE A 395 -30.84 -21.03 -7.59
CA PHE A 395 -30.61 -22.38 -7.08
C PHE A 395 -31.61 -22.74 -5.99
N PRO A 422 -38.91 -0.70 -17.25
CA PRO A 422 -38.33 -1.12 -15.97
C PRO A 422 -36.89 -0.65 -15.75
N VAL A 423 -36.72 0.68 -15.85
CA VAL A 423 -35.61 1.49 -15.33
C VAL A 423 -34.31 1.41 -16.14
N SER A 424 -34.09 0.32 -16.92
CA SER A 424 -33.14 0.26 -18.04
C SER A 424 -31.73 0.34 -17.54
N PRO A 425 -30.73 -0.23 -18.28
CA PRO A 425 -29.32 0.16 -18.05
C PRO A 425 -28.98 1.57 -18.50
N SER A 426 -29.44 1.97 -19.69
CA SER A 426 -29.06 3.27 -20.25
C SER A 426 -29.85 4.40 -19.62
N ASP A 427 -31.09 4.14 -19.20
CA ASP A 427 -31.83 5.14 -18.44
C ASP A 427 -31.08 5.53 -17.17
N GLU A 428 -30.39 4.57 -16.56
CA GLU A 428 -29.62 4.81 -15.34
C GLU A 428 -28.35 5.61 -15.60
N PHE A 429 -27.81 5.56 -16.82
CA PHE A 429 -26.58 6.29 -17.10
C PHE A 429 -26.80 7.80 -17.02
N GLU A 430 -27.86 8.30 -17.67
CA GLU A 430 -28.17 9.73 -17.59
C GLU A 430 -28.75 10.11 -16.24
N PHE A 431 -29.40 9.16 -15.55
CA PHE A 431 -30.01 9.44 -14.25
C PHE A 431 -28.97 9.95 -13.25
N TYR A 432 -27.86 9.23 -13.12
CA TYR A 432 -26.82 9.63 -12.18
C TYR A 432 -26.13 10.93 -12.62
N ARG A 433 -26.13 11.21 -13.93
CA ARG A 433 -25.37 12.36 -14.44
C ARG A 433 -25.89 13.69 -13.91
N LYS A 434 -27.12 13.76 -13.43
CA LYS A 434 -27.68 15.01 -12.95
C LYS A 434 -27.48 15.22 -11.45
N GLU A 435 -27.04 14.19 -10.72
CA GLU A 435 -26.86 14.33 -9.27
C GLU A 435 -25.76 15.33 -8.96
N ILE A 436 -25.99 16.14 -7.92
CA ILE A 436 -25.06 17.19 -7.50
C ILE A 436 -24.88 17.08 -5.99
N VAL A 437 -23.64 16.93 -5.54
CA VAL A 437 -23.31 16.83 -4.12
C VAL A 437 -22.22 17.85 -3.83
N ILE A 438 -22.54 18.84 -3.00
CA ILE A 438 -21.50 19.73 -2.49
C ILE A 438 -20.59 18.94 -1.56
N LEU A 439 -19.30 19.19 -1.64
CA LEU A 439 -18.34 18.33 -0.96
C LEU A 439 -18.05 18.93 0.41
N SER A 440 -18.62 18.29 1.44
CA SER A 440 -18.27 18.51 2.83
C SER A 440 -17.06 17.66 3.21
N GLU A 441 -16.38 18.07 4.28
CA GLU A 441 -15.36 17.21 4.87
C GLU A 441 -15.96 15.90 5.36
N ASP A 442 -17.26 15.87 5.65
CA ASP A 442 -17.94 14.63 5.99
C ASP A 442 -18.18 13.75 4.78
N PHE A 443 -18.23 14.33 3.58
CA PHE A 443 -18.60 13.57 2.39
C PHE A 443 -17.48 12.57 2.06
N LYS A 444 -17.86 11.30 1.94
CA LYS A 444 -16.97 10.24 1.52
C LYS A 444 -17.72 9.34 0.55
N VAL A 445 -17.18 9.18 -0.67
CA VAL A 445 -17.87 8.40 -1.69
C VAL A 445 -18.02 6.94 -1.28
N MET A 446 -17.26 6.49 -0.28
CA MET A 446 -17.32 5.12 0.22
C MET A 446 -18.73 4.75 0.67
N GLU A 447 -19.20 5.39 1.73
CA GLU A 447 -20.54 5.11 2.25
C GLU A 447 -21.64 5.80 1.45
N TRP A 448 -21.30 6.77 0.61
CA TRP A 448 -22.32 7.49 -0.13
C TRP A 448 -23.16 6.56 -1.00
N TRP A 449 -22.55 5.52 -1.55
CA TRP A 449 -23.30 4.53 -2.32
C TRP A 449 -24.00 3.51 -1.41
N ASN A 450 -23.50 3.32 -0.19
CA ASN A 450 -24.21 2.47 0.76
C ASN A 450 -25.56 3.08 1.13
N LEU A 451 -25.66 4.41 1.09
CA LEU A 451 -26.90 5.14 1.35
C LEU A 451 -27.67 5.45 0.07
N ASN A 452 -27.22 4.94 -1.06
CA ASN A 452 -27.82 5.14 -2.38
C ASN A 452 -28.43 3.88 -2.95
N SER A 453 -27.66 2.78 -2.95
CA SER A 453 -27.87 1.57 -3.75
C SER A 453 -29.31 1.10 -3.86
N LYS A 454 -30.11 1.28 -2.80
CA LYS A 454 -31.53 0.93 -2.87
C LYS A 454 -32.18 1.50 -4.13
N LYS A 455 -31.83 2.74 -4.50
CA LYS A 455 -32.40 3.34 -5.70
C LYS A 455 -31.75 2.79 -6.97
N TYR A 456 -30.45 2.52 -6.94
CA TYR A 456 -29.70 2.03 -8.09
C TYR A 456 -29.11 0.66 -7.76
N PRO A 457 -29.92 -0.39 -7.78
CA PRO A 457 -29.36 -1.73 -7.48
C PRO A 457 -28.38 -2.23 -8.52
N LYS A 458 -28.65 -2.00 -9.80
CA LYS A 458 -27.85 -2.58 -10.87
C LYS A 458 -26.59 -1.78 -11.20
N LEU A 459 -26.48 -0.55 -10.71
CA LEU A 459 -25.30 0.30 -10.94
C LEU A 459 -24.39 0.30 -9.72
N SER A 460 -24.91 0.71 -8.56
CA SER A 460 -24.12 0.86 -7.35
C SER A 460 -23.25 -0.35 -7.04
N LYS A 461 -23.64 -1.54 -7.50
CA LYS A 461 -22.75 -2.70 -7.37
C LYS A 461 -21.52 -2.54 -8.23
N LEU A 462 -21.67 -2.01 -9.45
CA LEU A 462 -20.51 -1.78 -10.32
C LEU A 462 -19.57 -0.72 -9.75
N ALA A 463 -20.14 0.31 -9.09
CA ALA A 463 -19.35 1.37 -8.49
C ALA A 463 -18.35 0.82 -7.46
N LEU A 464 -18.87 0.24 -6.38
CA LEU A 464 -18.01 -0.29 -5.32
C LEU A 464 -17.08 -1.39 -5.82
N SER A 465 -17.38 -2.00 -6.97
CA SER A 465 -16.40 -2.87 -7.63
C SER A 465 -15.21 -2.06 -8.13
N LEU A 466 -15.47 -0.88 -8.70
CA LEU A 466 -14.40 0.00 -9.18
C LEU A 466 -13.66 0.67 -8.02
N LEU A 467 -14.39 1.12 -7.00
CA LEU A 467 -13.79 1.84 -5.89
C LEU A 467 -12.97 0.94 -4.98
N SER A 468 -12.98 -0.37 -5.20
CA SER A 468 -12.19 -1.30 -4.41
C SER A 468 -10.79 -1.52 -4.97
N ILE A 469 -10.46 -0.92 -6.11
CA ILE A 469 -9.17 -1.13 -6.78
C ILE A 469 -8.15 -0.17 -6.20
N PRO A 470 -7.00 -0.67 -5.73
CA PRO A 470 -6.05 0.21 -5.02
C PRO A 470 -5.33 1.23 -5.90
N ALA A 471 -5.13 0.94 -7.19
CA ALA A 471 -4.37 1.81 -8.09
C ALA A 471 -2.96 2.07 -7.58
N SER A 472 -2.40 1.12 -6.84
CA SER A 472 -1.00 1.15 -6.47
C SER A 472 -0.58 -0.28 -6.13
N SER A 473 0.73 -0.50 -6.17
CA SER A 473 1.29 -1.75 -5.68
C SER A 473 1.62 -1.71 -4.21
N ALA A 474 1.28 -0.60 -3.53
CA ALA A 474 1.67 -0.38 -2.14
C ALA A 474 1.29 -1.56 -1.26
N ALA A 475 0.09 -2.11 -1.46
CA ALA A 475 -0.35 -3.26 -0.68
C ALA A 475 0.62 -4.42 -0.82
N SER A 476 0.96 -4.77 -2.06
CA SER A 476 1.94 -5.82 -2.29
C SER A 476 3.31 -5.42 -1.76
N GLU A 477 3.60 -4.12 -1.71
CA GLU A 477 4.91 -3.68 -1.22
C GLU A 477 5.03 -3.91 0.28
N ARG A 478 4.01 -3.49 1.05
CA ARG A 478 4.07 -3.66 2.50
C ARG A 478 4.16 -5.14 2.88
N THR A 479 3.63 -6.02 2.03
CA THR A 479 3.77 -7.46 2.27
C THR A 479 5.23 -7.84 2.38
N PHE A 480 6.08 -7.30 1.50
CA PHE A 480 7.50 -7.58 1.58
C PHE A 480 8.11 -6.98 2.84
N SER A 481 7.65 -5.80 3.24
CA SER A 481 8.12 -5.21 4.49
C SER A 481 7.84 -6.14 5.65
N LEU A 482 6.59 -6.61 5.76
CA LEU A 482 6.25 -7.61 6.77
C LEU A 482 7.11 -8.84 6.59
N ALA A 483 7.21 -9.33 5.35
CA ALA A 483 8.11 -10.44 5.07
C ALA A 483 9.52 -10.16 5.59
N GLY A 484 9.99 -8.93 5.42
CA GLY A 484 11.28 -8.56 5.96
C GLY A 484 11.35 -8.65 7.47
N ASN A 485 10.24 -8.33 8.14
CA ASN A 485 10.25 -8.38 9.61
C ASN A 485 10.38 -9.82 10.11
N ILE A 486 9.72 -10.77 9.45
CA ILE A 486 9.70 -12.12 9.96
C ILE A 486 11.01 -12.86 9.67
N ILE A 487 11.58 -12.68 8.48
CA ILE A 487 12.88 -13.29 8.19
C ILE A 487 13.96 -12.24 8.51
N THR A 488 14.70 -12.50 9.57
CA THR A 488 15.70 -11.57 10.11
C THR A 488 17.01 -12.33 10.28
N GLU A 489 18.02 -11.64 10.81
CA GLU A 489 19.34 -12.28 10.96
C GLU A 489 19.23 -13.59 11.73
N LYS A 490 18.46 -13.57 12.82
CA LYS A 490 18.33 -14.77 13.66
C LYS A 490 17.31 -15.75 13.09
N ARG A 491 16.24 -15.24 12.50
CA ARG A 491 15.17 -16.07 11.96
C ARG A 491 15.41 -16.47 10.51
N ASN A 492 16.60 -16.19 9.97
CA ASN A 492 16.91 -16.43 8.56
C ASN A 492 16.62 -17.87 8.13
N ARG A 493 16.70 -18.83 9.05
CA ARG A 493 16.54 -20.24 8.68
C ARG A 493 15.14 -20.55 8.16
N ILE A 494 14.17 -19.66 8.40
CA ILE A 494 12.81 -19.90 7.96
C ILE A 494 12.80 -20.12 6.46
N GLY A 495 12.25 -21.25 6.02
CA GLY A 495 11.93 -21.44 4.62
C GLY A 495 10.52 -20.98 4.29
N GLN A 496 10.38 -20.38 3.09
CA GLN A 496 9.23 -20.58 2.22
C GLN A 496 7.87 -20.56 2.92
N GLN A 497 7.17 -21.70 2.88
CA GLN A 497 5.79 -21.81 3.34
C GLN A 497 5.59 -21.28 4.75
N THR A 498 6.58 -21.44 5.62
CA THR A 498 6.46 -20.87 6.97
C THR A 498 6.22 -19.37 6.90
N VAL A 499 6.84 -18.68 5.94
CA VAL A 499 6.58 -17.26 5.74
C VAL A 499 5.24 -17.04 5.07
N ASP A 500 4.94 -17.86 4.06
CA ASP A 500 3.63 -17.78 3.41
C ASP A 500 2.50 -17.93 4.43
N SER A 501 2.67 -18.85 5.39
CA SER A 501 1.64 -19.04 6.42
C SER A 501 1.60 -17.85 7.37
N LEU A 502 2.75 -17.49 7.96
CA LEU A 502 2.79 -16.44 8.96
C LEU A 502 2.30 -15.09 8.42
N LEU A 503 2.45 -14.86 7.13
CA LEU A 503 1.93 -13.60 6.57
C LEU A 503 0.42 -13.68 6.40
N PHE A 504 -0.07 -14.79 5.85
CA PHE A 504 -1.50 -14.93 5.57
C PHE A 504 -2.33 -14.86 6.85
N LEU A 505 -1.87 -15.55 7.89
CA LEU A 505 -2.65 -15.63 9.13
C LEU A 505 -2.70 -14.27 9.84
N ASN A 506 -1.56 -13.59 9.94
CA ASN A 506 -1.56 -12.24 10.51
C ASN A 506 -2.44 -11.31 9.71
N SER A 507 -2.53 -11.52 8.40
CA SER A 507 -3.49 -10.77 7.61
C SER A 507 -4.92 -11.20 7.91
N PHE A 508 -5.15 -12.52 7.94
CA PHE A 508 -6.49 -13.04 8.21
C PHE A 508 -7.01 -12.55 9.56
N TYR A 509 -6.16 -12.54 10.58
CA TYR A 509 -6.60 -12.17 11.92
C TYR A 509 -6.87 -10.68 12.04
N LYS A 510 -6.31 -9.84 11.17
CA LYS A 510 -6.74 -8.45 11.11
C LYS A 510 -8.03 -8.28 10.32
N ASN A 511 -8.28 -9.14 9.33
CA ASN A 511 -9.40 -8.94 8.40
C ASN A 511 -10.74 -9.38 8.99
N PHE A 512 -10.88 -10.67 9.23
CA PHE A 512 -12.17 -11.28 9.57
C PHE A 512 -12.36 -11.47 11.07
N CYS A 513 -11.42 -11.00 11.90
CA CYS A 513 -11.59 -11.02 13.35
C CYS A 513 -11.64 -9.59 13.88
N LYS A 514 -12.59 -9.31 14.76
CA LYS A 514 -12.72 -7.99 15.37
C LYS A 514 -11.79 -7.86 16.57
CA CA E . 8.50 -5.15 -9.56
#